data_2NWU
#
_entry.id   2NWU
#
_cell.length_a   44.680
_cell.length_b   66.307
_cell.length_c   124.746
_cell.angle_alpha   90.00
_cell.angle_beta   90.00
_cell.angle_gamma   90.00
#
_symmetry.space_group_name_H-M   'P 21 21 21'
#
loop_
_entity.id
_entity.type
_entity.pdbx_description
1 polymer 'UPF0201 protein SSO1042'
2 water water
#
_entity_poly.entity_id   1
_entity_poly.type   'polypeptide(L)'
_entity_poly.pdbx_seq_one_letter_code
;(MSE)SLDKV(MSE)VVAEVRPSEDVNKVLSAISNFFDFEK(MSE)NTRKEGIIDILVLEARTLKSLLKFHRVLRNERIL
DSARKYL(MSE)KGIEGNTIAF(MSE)IHKQAAAVGVLSFVDSDKESPLGAIKFYIEYQNPKEIVDWLAPKTAHGVPLWD
NPVPPDVEGHHHHHH
;
_entity_poly.pdbx_strand_id   A,B
#
# COMPACT_ATOMS: atom_id res chain seq x y z
N ASP A 4 20.91 7.46 -22.15
CA ASP A 4 21.18 6.17 -21.63
C ASP A 4 21.18 6.14 -20.12
N LYS A 5 20.15 5.53 -19.51
CA LYS A 5 20.05 5.45 -18.06
C LYS A 5 19.01 4.45 -17.59
N VAL A 6 19.09 4.14 -16.31
CA VAL A 6 18.17 3.22 -15.66
C VAL A 6 17.39 4.06 -14.66
N VAL A 8 13.95 3.94 -11.89
CA VAL A 8 12.97 3.15 -11.17
C VAL A 8 12.02 4.11 -10.47
N VAL A 9 10.72 3.91 -10.68
CA VAL A 9 9.69 4.77 -10.11
C VAL A 9 8.74 3.94 -9.25
N ALA A 10 8.52 4.39 -8.02
CA ALA A 10 7.65 3.70 -7.10
C ALA A 10 6.86 4.70 -6.25
N GLU A 11 5.65 4.33 -5.91
CA GLU A 11 4.80 5.20 -5.09
C GLU A 11 5.06 4.92 -3.62
N VAL A 12 4.92 5.96 -2.81
CA VAL A 12 5.06 5.82 -1.37
C VAL A 12 3.81 6.44 -0.77
N ARG A 13 2.86 5.59 -0.36
CA ARG A 13 1.63 6.08 0.23
C ARG A 13 1.87 6.52 1.67
N PRO A 14 0.95 7.31 2.23
CA PRO A 14 1.04 7.81 3.60
C PRO A 14 1.21 6.68 4.61
N SER A 15 0.70 5.49 4.28
CA SER A 15 0.82 4.33 5.17
C SER A 15 2.11 3.54 4.95
N GLU A 16 2.86 3.89 3.90
CA GLU A 16 4.13 3.19 3.60
C GLU A 16 5.39 3.86 4.14
N ASP A 17 6.46 3.08 4.28
CA ASP A 17 7.72 3.63 4.75
C ASP A 17 8.68 3.69 3.55
N VAL A 18 9.06 4.90 3.16
CA VAL A 18 9.96 5.10 2.04
C VAL A 18 11.20 4.22 2.15
N ASN A 19 11.63 3.97 3.37
CA ASN A 19 12.80 3.12 3.59
C ASN A 19 12.52 1.67 3.19
N LYS A 20 11.29 1.20 3.41
CA LYS A 20 10.96 -0.17 3.03
C LYS A 20 10.87 -0.27 1.51
N VAL A 21 10.38 0.80 0.87
CA VAL A 21 10.28 0.80 -0.58
C VAL A 21 11.69 0.91 -1.21
N LEU A 22 12.56 1.71 -0.60
CA LEU A 22 13.93 1.86 -1.10
C LEU A 22 14.68 0.55 -0.91
N SER A 23 14.43 -0.11 0.21
CA SER A 23 15.07 -1.39 0.47
C SER A 23 14.59 -2.41 -0.57
N ALA A 24 13.29 -2.39 -0.88
CA ALA A 24 12.69 -3.28 -1.88
C ALA A 24 13.41 -3.15 -3.23
N ILE A 25 13.66 -1.91 -3.64
CA ILE A 25 14.33 -1.68 -4.90
C ILE A 25 15.78 -2.09 -4.81
N SER A 26 16.40 -1.83 -3.65
CA SER A 26 17.80 -2.17 -3.44
C SER A 26 18.15 -3.63 -3.69
N ASN A 27 17.15 -4.50 -3.60
CA ASN A 27 17.40 -5.92 -3.85
C ASN A 27 17.81 -6.19 -5.30
N PHE A 28 17.45 -5.28 -6.21
CA PHE A 28 17.74 -5.48 -7.65
C PHE A 28 18.33 -4.27 -8.38
N PHE A 29 18.43 -3.14 -7.70
CA PHE A 29 18.93 -1.96 -8.38
C PHE A 29 19.70 -1.08 -7.43
N ASP A 30 20.82 -0.56 -7.91
CA ASP A 30 21.67 0.34 -7.13
C ASP A 30 21.62 1.73 -7.78
N PHE A 31 20.80 2.61 -7.20
CA PHE A 31 20.64 3.97 -7.70
C PHE A 31 21.87 4.85 -7.43
N GLU A 32 22.03 5.87 -8.25
CA GLU A 32 23.14 6.81 -8.12
C GLU A 32 22.63 8.12 -7.55
N LYS A 33 21.31 8.33 -7.65
CA LYS A 33 20.66 9.52 -7.12
C LYS A 33 19.15 9.28 -7.07
N ASN A 35 15.04 11.29 -6.29
CA ASN A 35 14.24 12.50 -6.16
C ASN A 35 12.89 12.09 -5.56
N THR A 36 12.16 13.08 -5.04
CA THR A 36 10.85 12.81 -4.45
C THR A 36 9.87 13.92 -4.82
N GLY A 40 -0.79 14.62 -5.16
CA GLY A 40 -1.79 14.42 -4.14
C GLY A 40 -1.16 14.11 -2.79
N ILE A 41 -1.70 13.12 -2.09
CA ILE A 41 -1.16 12.75 -0.80
C ILE A 41 -0.15 11.60 -0.94
N ILE A 42 0.11 11.20 -2.19
CA ILE A 42 1.05 10.12 -2.46
C ILE A 42 2.37 10.60 -3.07
N ASP A 43 3.48 10.14 -2.50
CA ASP A 43 4.80 10.51 -2.99
C ASP A 43 5.24 9.58 -4.13
N ILE A 44 6.03 10.13 -5.05
CA ILE A 44 6.56 9.38 -6.18
C ILE A 44 8.07 9.37 -6.00
N LEU A 45 8.62 8.17 -5.90
CA LEU A 45 10.06 8.00 -5.74
C LEU A 45 10.67 7.73 -7.11
N VAL A 46 11.64 8.56 -7.51
CA VAL A 46 12.28 8.39 -8.80
C VAL A 46 13.76 8.08 -8.56
N LEU A 47 14.16 6.85 -8.87
CA LEU A 47 15.55 6.46 -8.68
C LEU A 47 16.19 6.27 -10.04
N GLU A 48 17.45 6.69 -10.18
CA GLU A 48 18.12 6.50 -11.45
C GLU A 48 19.64 6.32 -11.38
N ALA A 49 20.17 5.66 -12.39
CA ALA A 49 21.59 5.39 -12.50
C ALA A 49 22.01 5.60 -13.95
N ARG A 50 23.28 5.85 -14.18
CA ARG A 50 23.75 6.08 -15.54
C ARG A 50 24.45 4.86 -16.12
N THR A 51 24.84 3.94 -15.25
CA THR A 51 25.53 2.73 -15.69
C THR A 51 24.64 1.49 -15.58
N LEU A 52 24.83 0.55 -16.49
CA LEU A 52 24.06 -0.69 -16.50
C LEU A 52 24.52 -1.63 -15.38
N LYS A 53 25.66 -1.31 -14.76
CA LYS A 53 26.16 -2.14 -13.68
C LYS A 53 25.20 -2.03 -12.51
N SER A 54 24.33 -1.01 -12.56
CA SER A 54 23.34 -0.79 -11.51
C SER A 54 22.28 -1.90 -11.49
N LEU A 55 22.30 -2.75 -12.50
CA LEU A 55 21.35 -3.85 -12.59
C LEU A 55 22.01 -5.21 -12.36
N LEU A 56 23.25 -5.21 -11.88
CA LEU A 56 23.96 -6.45 -11.62
C LEU A 56 23.25 -7.33 -10.61
N LYS A 57 22.55 -6.73 -9.65
CA LYS A 57 21.85 -7.52 -8.65
C LYS A 57 20.69 -8.26 -9.31
N PHE A 58 20.03 -7.55 -10.20
CA PHE A 58 18.88 -8.04 -10.98
C PHE A 58 19.40 -9.24 -11.79
N HIS A 59 20.51 -9.01 -12.47
CA HIS A 59 21.18 -10.01 -13.28
C HIS A 59 21.48 -11.25 -12.43
N ARG A 60 21.94 -11.05 -11.20
CA ARG A 60 22.26 -12.20 -10.33
C ARG A 60 21.01 -12.99 -9.91
N VAL A 61 19.96 -12.28 -9.49
CA VAL A 61 18.71 -12.91 -9.06
C VAL A 61 18.02 -13.75 -10.14
N LEU A 62 18.02 -13.30 -11.40
CA LEU A 62 17.37 -14.05 -12.48
C LEU A 62 18.04 -15.41 -12.66
N ARG A 63 19.36 -15.45 -12.46
CA ARG A 63 20.11 -16.69 -12.56
C ARG A 63 19.95 -17.57 -11.32
N ASN A 64 20.07 -16.98 -10.14
CA ASN A 64 19.94 -17.72 -8.88
C ASN A 64 18.58 -18.42 -8.75
N GLU A 65 17.51 -17.67 -9.01
CA GLU A 65 16.16 -18.17 -8.92
C GLU A 65 15.74 -18.90 -10.19
N ARG A 66 16.63 -18.96 -11.15
CA ARG A 66 16.38 -19.66 -12.41
C ARG A 66 15.03 -19.31 -13.06
N ILE A 67 14.86 -18.03 -13.39
CA ILE A 67 13.65 -17.51 -14.02
C ILE A 67 14.00 -16.73 -15.30
N LEU A 68 15.11 -17.10 -15.94
CA LEU A 68 15.58 -16.45 -17.15
C LEU A 68 14.54 -16.44 -18.27
N ASP A 69 13.89 -17.58 -18.50
CA ASP A 69 12.88 -17.69 -19.54
C ASP A 69 11.76 -16.70 -19.34
N SER A 70 11.32 -16.59 -18.10
CA SER A 70 10.25 -15.67 -17.75
C SER A 70 10.67 -14.21 -17.94
N ALA A 71 11.89 -13.88 -17.49
CA ALA A 71 12.39 -12.52 -17.62
C ALA A 71 12.54 -12.09 -19.08
N ARG A 72 13.10 -12.96 -19.91
CA ARG A 72 13.30 -12.66 -21.34
C ARG A 72 11.96 -12.28 -21.96
N LYS A 73 10.94 -13.08 -21.69
CA LYS A 73 9.62 -12.82 -22.25
C LYS A 73 9.17 -11.40 -21.89
N TYR A 74 9.15 -11.09 -20.60
CA TYR A 74 8.74 -9.78 -20.10
C TYR A 74 9.62 -8.63 -20.53
N LEU A 75 10.91 -8.87 -20.57
CA LEU A 75 11.85 -7.84 -20.96
C LEU A 75 11.75 -7.56 -22.47
N LYS A 77 9.24 -8.04 -24.60
CA LYS A 77 7.99 -7.35 -24.92
C LYS A 77 8.02 -5.94 -24.36
N GLY A 78 8.85 -5.73 -23.32
CA GLY A 78 8.95 -4.41 -22.71
C GLY A 78 9.62 -3.38 -23.60
N ILE A 79 10.31 -3.85 -24.63
CA ILE A 79 11.01 -2.96 -25.57
C ILE A 79 9.99 -2.19 -26.43
N GLU A 80 10.21 -0.90 -26.59
CA GLU A 80 9.34 -0.07 -27.40
C GLU A 80 10.21 0.46 -28.54
N GLY A 81 11.07 1.43 -28.23
CA GLY A 81 11.98 1.96 -29.23
C GLY A 81 13.38 1.74 -28.68
N ASN A 82 13.96 2.77 -28.08
CA ASN A 82 15.27 2.66 -27.49
C ASN A 82 15.10 2.57 -25.98
N THR A 83 13.90 2.21 -25.57
CA THR A 83 13.59 2.09 -24.16
C THR A 83 13.07 0.69 -23.85
N ILE A 84 13.14 0.31 -22.59
CA ILE A 84 12.63 -0.98 -22.14
C ILE A 84 11.81 -0.65 -20.91
N ALA A 85 10.55 -1.06 -20.92
CA ALA A 85 9.67 -0.78 -19.79
C ALA A 85 8.99 -2.05 -19.27
N PHE A 86 9.06 -2.24 -17.96
CA PHE A 86 8.45 -3.40 -17.30
C PHE A 86 8.23 -3.10 -15.83
N ILE A 88 7.62 -4.74 -11.58
CA ILE A 88 7.73 -5.87 -10.68
C ILE A 88 6.85 -5.63 -9.47
N HIS A 89 6.45 -6.71 -8.84
CA HIS A 89 5.56 -6.68 -7.69
C HIS A 89 6.24 -6.01 -6.49
N LYS A 90 5.60 -4.96 -6.01
CA LYS A 90 6.06 -4.18 -4.88
C LYS A 90 6.25 -4.99 -3.59
N GLN A 91 5.18 -5.58 -3.08
CA GLN A 91 5.26 -6.35 -1.84
C GLN A 91 6.23 -7.52 -1.93
N ALA A 92 6.24 -8.22 -3.06
CA ALA A 92 7.14 -9.34 -3.24
C ALA A 92 8.56 -8.81 -3.12
N ALA A 93 8.85 -7.74 -3.84
CA ALA A 93 10.16 -7.12 -3.83
C ALA A 93 10.52 -6.63 -2.44
N ALA A 94 9.54 -6.18 -1.67
CA ALA A 94 9.83 -5.70 -0.31
C ALA A 94 10.40 -6.86 0.52
N VAL A 95 9.98 -8.08 0.22
CA VAL A 95 10.50 -9.25 0.94
C VAL A 95 11.62 -9.99 0.19
N GLY A 96 12.25 -9.31 -0.78
CA GLY A 96 13.35 -9.91 -1.52
C GLY A 96 13.03 -10.81 -2.70
N VAL A 97 11.76 -10.88 -3.09
CA VAL A 97 11.35 -11.73 -4.21
C VAL A 97 11.14 -10.88 -5.48
N LEU A 98 11.62 -11.39 -6.60
CA LEU A 98 11.48 -10.71 -7.89
C LEU A 98 10.36 -11.36 -8.67
N SER A 99 9.24 -10.66 -8.79
CA SER A 99 8.09 -11.17 -9.51
C SER A 99 7.62 -10.11 -10.51
N PHE A 100 7.62 -10.47 -11.78
CA PHE A 100 7.21 -9.54 -12.84
C PHE A 100 5.73 -9.27 -12.87
N VAL A 101 5.36 -8.06 -13.29
CA VAL A 101 3.96 -7.66 -13.41
C VAL A 101 3.58 -7.64 -14.90
N ALA A 111 3.81 -2.42 -9.22
CA ALA A 111 3.85 -1.02 -8.80
C ALA A 111 5.27 -0.44 -8.83
N ILE A 112 6.30 -1.28 -8.95
CA ILE A 112 7.67 -0.76 -9.06
C ILE A 112 8.02 -0.80 -10.56
N LYS A 113 8.13 0.39 -11.16
CA LYS A 113 8.39 0.50 -12.60
C LYS A 113 9.83 0.73 -13.00
N PHE A 114 10.30 -0.06 -13.96
CA PHE A 114 11.66 0.06 -14.48
C PHE A 114 11.61 0.68 -15.88
N TYR A 115 12.49 1.64 -16.12
CA TYR A 115 12.58 2.31 -17.41
C TYR A 115 14.06 2.36 -17.77
N ILE A 116 14.42 1.74 -18.89
CA ILE A 116 15.81 1.71 -19.30
C ILE A 116 15.99 2.32 -20.69
N GLU A 117 16.85 3.33 -20.79
CA GLU A 117 17.13 3.95 -22.08
C GLU A 117 18.50 3.48 -22.53
N TYR A 118 18.55 2.96 -23.75
CA TYR A 118 19.80 2.47 -24.32
C TYR A 118 19.54 2.27 -25.82
N GLN A 119 20.53 2.58 -26.65
CA GLN A 119 20.40 2.49 -28.11
C GLN A 119 20.19 1.11 -28.71
N ASN A 120 20.66 0.07 -28.03
CA ASN A 120 20.48 -1.30 -28.50
C ASN A 120 19.85 -2.12 -27.36
N PRO A 121 18.53 -1.95 -27.17
CA PRO A 121 17.78 -2.64 -26.13
C PRO A 121 17.88 -4.16 -26.08
N LYS A 122 17.86 -4.83 -27.24
CA LYS A 122 17.95 -6.28 -27.21
C LYS A 122 19.21 -6.77 -26.48
N GLU A 123 20.28 -5.97 -26.52
CA GLU A 123 21.51 -6.37 -25.85
C GLU A 123 21.27 -6.46 -24.33
N ILE A 124 20.48 -5.53 -23.79
CA ILE A 124 20.16 -5.55 -22.37
C ILE A 124 19.49 -6.90 -22.09
N VAL A 125 18.47 -7.22 -22.88
CA VAL A 125 17.74 -8.47 -22.71
C VAL A 125 18.62 -9.70 -22.80
N ASP A 126 19.52 -9.74 -23.78
CA ASP A 126 20.38 -10.90 -23.94
C ASP A 126 21.43 -10.96 -22.84
N TRP A 127 21.68 -9.83 -22.19
CA TRP A 127 22.65 -9.79 -21.09
C TRP A 127 21.98 -10.30 -19.82
N LEU A 128 20.82 -9.73 -19.53
CA LEU A 128 20.06 -10.09 -18.33
C LEU A 128 19.35 -11.44 -18.42
N ALA A 129 18.71 -11.68 -19.55
CA ALA A 129 17.94 -12.91 -19.73
C ALA A 129 18.25 -13.75 -20.97
N PRO A 130 19.41 -14.43 -20.99
CA PRO A 130 19.85 -15.27 -22.10
C PRO A 130 18.80 -16.34 -22.43
N LYS A 131 18.71 -16.71 -23.69
CA LYS A 131 17.80 -17.77 -24.08
C LYS A 131 18.36 -19.03 -23.41
N THR A 132 17.49 -19.93 -22.95
CA THR A 132 18.00 -21.13 -22.31
C THR A 132 17.62 -22.43 -23.02
N ALA A 133 18.47 -23.44 -22.87
CA ALA A 133 18.22 -24.75 -23.42
C ALA A 133 18.45 -25.72 -22.26
N HIS A 134 17.42 -26.46 -21.89
CA HIS A 134 17.50 -27.41 -20.80
C HIS A 134 17.80 -26.71 -19.46
N GLY A 135 17.23 -25.53 -19.29
CA GLY A 135 17.43 -24.77 -18.07
C GLY A 135 18.78 -24.12 -17.88
N VAL A 136 19.59 -24.10 -18.94
CA VAL A 136 20.92 -23.49 -18.82
C VAL A 136 21.10 -22.40 -19.90
N PRO A 137 21.67 -21.25 -19.51
CA PRO A 137 21.91 -20.13 -20.41
C PRO A 137 22.72 -20.56 -21.62
N LEU A 138 22.27 -20.15 -22.80
CA LEU A 138 22.96 -20.49 -24.05
C LEU A 138 24.15 -19.57 -24.26
N TRP A 139 24.21 -18.49 -23.51
CA TRP A 139 25.33 -17.57 -23.63
C TRP A 139 25.43 -16.73 -22.37
N ASP A 140 26.58 -16.10 -22.20
CA ASP A 140 26.84 -15.27 -21.03
C ASP A 140 27.57 -13.99 -21.42
N ASN A 141 26.84 -13.03 -21.98
CA ASN A 141 27.45 -11.78 -22.41
C ASN A 141 27.82 -10.89 -21.22
N PRO A 142 28.80 -10.00 -21.42
CA PRO A 142 29.24 -9.09 -20.37
C PRO A 142 28.23 -7.94 -20.33
N VAL A 143 28.31 -7.10 -19.31
CA VAL A 143 27.37 -5.98 -19.20
C VAL A 143 27.59 -5.07 -20.42
N PRO A 144 26.50 -4.70 -21.11
CA PRO A 144 26.65 -3.82 -22.28
C PRO A 144 27.38 -2.52 -21.89
N PRO A 145 28.20 -1.99 -22.79
CA PRO A 145 28.97 -0.75 -22.55
C PRO A 145 28.14 0.45 -22.12
N ASP A 146 28.68 1.17 -21.13
CA ASP A 146 28.12 2.37 -20.50
C ASP A 146 27.41 2.04 -19.19
N ASP B 4 -20.39 -5.46 23.94
CA ASP B 4 -20.51 -4.04 23.82
C ASP B 4 -19.18 -3.38 23.54
N LYS B 5 -18.40 -3.97 22.61
CA LYS B 5 -17.10 -3.44 22.23
C LYS B 5 -17.01 -3.08 20.76
N VAL B 6 -15.91 -2.42 20.40
CA VAL B 6 -15.67 -2.01 19.02
C VAL B 6 -14.36 -2.66 18.61
N VAL B 8 -11.43 -2.76 15.27
CA VAL B 8 -10.94 -2.24 13.99
C VAL B 8 -9.90 -3.22 13.46
N VAL B 9 -10.03 -3.56 12.19
CA VAL B 9 -9.11 -4.47 11.53
C VAL B 9 -8.47 -3.74 10.36
N ALA B 10 -7.17 -3.92 10.20
CA ALA B 10 -6.45 -3.26 9.11
C ALA B 10 -5.20 -4.07 8.80
N GLU B 11 -4.83 -4.12 7.53
CA GLU B 11 -3.67 -4.88 7.13
C GLU B 11 -2.43 -4.01 7.09
N VAL B 12 -1.28 -4.68 7.17
CA VAL B 12 0.02 -4.01 7.09
C VAL B 12 0.85 -4.87 6.15
N ARG B 13 1.08 -4.36 4.94
CA ARG B 13 1.87 -5.08 3.96
C ARG B 13 3.35 -4.81 4.25
N PRO B 14 4.26 -5.56 3.60
CA PRO B 14 5.70 -5.41 3.78
C PRO B 14 6.26 -4.00 3.49
N SER B 15 5.58 -3.24 2.62
CA SER B 15 6.05 -1.89 2.32
C SER B 15 5.45 -0.87 3.29
N GLU B 16 4.53 -1.33 4.14
CA GLU B 16 3.91 -0.42 5.08
C GLU B 16 4.57 -0.42 6.45
N ASP B 17 4.39 0.69 7.16
CA ASP B 17 4.94 0.84 8.49
C ASP B 17 3.78 0.62 9.44
N VAL B 18 3.87 -0.46 10.22
CA VAL B 18 2.82 -0.76 11.17
C VAL B 18 2.44 0.46 12.01
N ASN B 19 3.42 1.30 12.35
CA ASN B 19 3.12 2.48 13.16
C ASN B 19 2.34 3.58 12.45
N LYS B 20 2.47 3.65 11.14
CA LYS B 20 1.73 4.64 10.38
C LYS B 20 0.28 4.18 10.28
N VAL B 21 0.06 2.87 10.19
CA VAL B 21 -1.31 2.36 10.11
C VAL B 21 -1.98 2.61 11.48
N LEU B 22 -1.30 2.25 12.56
CA LEU B 22 -1.84 2.47 13.90
C LEU B 22 -2.04 3.95 14.19
N SER B 23 -1.13 4.79 13.73
CA SER B 23 -1.27 6.22 13.95
C SER B 23 -2.47 6.78 13.16
N ALA B 24 -2.70 6.24 11.96
CA ALA B 24 -3.83 6.69 11.14
C ALA B 24 -5.16 6.36 11.80
N ILE B 25 -5.20 5.21 12.46
CA ILE B 25 -6.37 4.71 13.17
C ILE B 25 -6.62 5.49 14.46
N SER B 26 -5.53 5.86 15.15
CA SER B 26 -5.60 6.61 16.41
C SER B 26 -6.31 7.94 16.23
N ASN B 27 -6.31 8.45 15.00
CA ASN B 27 -6.96 9.71 14.71
C ASN B 27 -8.44 9.60 15.07
N PHE B 28 -9.01 8.44 14.82
CA PHE B 28 -10.42 8.24 15.07
C PHE B 28 -10.78 7.18 16.11
N PHE B 29 -9.81 6.38 16.53
CA PHE B 29 -10.12 5.29 17.45
C PHE B 29 -9.08 5.14 18.58
N ASP B 30 -9.55 5.24 19.82
CA ASP B 30 -8.67 5.09 20.96
C ASP B 30 -8.77 3.64 21.43
N PHE B 31 -8.09 2.76 20.69
CA PHE B 31 -8.08 1.34 21.01
C PHE B 31 -7.35 1.03 22.31
N GLU B 32 -7.74 -0.06 22.95
CA GLU B 32 -7.16 -0.47 24.23
C GLU B 32 -6.31 -1.72 24.11
N LYS B 33 -6.74 -2.63 23.23
CA LYS B 33 -6.05 -3.91 23.02
C LYS B 33 -5.55 -4.05 21.59
N ASN B 35 -3.59 -7.22 18.94
CA ASN B 35 -2.95 -8.48 18.66
C ASN B 35 -2.71 -8.40 17.16
N THR B 36 -1.71 -9.13 16.68
CA THR B 36 -1.40 -9.11 15.26
C THR B 36 -1.49 -10.52 14.74
N ARG B 37 -2.02 -10.65 13.54
CA ARG B 37 -2.16 -11.97 12.95
C ARG B 37 -1.60 -11.93 11.55
N LYS B 38 -1.47 -13.09 10.93
CA LYS B 38 -0.89 -13.13 9.59
C LYS B 38 -1.70 -13.87 8.54
N GLU B 39 -1.43 -13.52 7.29
CA GLU B 39 -2.03 -14.12 6.12
C GLU B 39 -0.91 -14.01 5.08
N GLY B 40 0.14 -14.80 5.28
CA GLY B 40 1.28 -14.78 4.38
C GLY B 40 2.27 -13.71 4.80
N ILE B 41 2.66 -12.85 3.86
CA ILE B 41 3.61 -11.78 4.15
C ILE B 41 2.86 -10.52 4.58
N ILE B 42 1.56 -10.68 4.88
CA ILE B 42 0.70 -9.59 5.29
C ILE B 42 0.28 -9.69 6.75
N ASP B 43 0.49 -8.63 7.54
CA ASP B 43 0.05 -8.67 8.93
C ASP B 43 -1.36 -8.10 9.03
N ILE B 44 -2.12 -8.56 10.00
CA ILE B 44 -3.46 -8.06 10.18
C ILE B 44 -3.59 -7.57 11.61
N LEU B 45 -3.95 -6.30 11.74
CA LEU B 45 -4.11 -5.72 13.07
C LEU B 45 -5.56 -5.80 13.49
N VAL B 46 -5.77 -6.28 14.71
CA VAL B 46 -7.10 -6.39 15.31
C VAL B 46 -7.02 -5.56 16.56
N LEU B 47 -7.66 -4.38 16.53
CA LEU B 47 -7.66 -3.46 17.65
C LEU B 47 -9.03 -3.42 18.33
N GLU B 48 -9.03 -3.46 19.67
CA GLU B 48 -10.30 -3.44 20.40
C GLU B 48 -10.36 -2.47 21.58
N ALA B 49 -11.58 -2.05 21.90
CA ALA B 49 -11.87 -1.15 23.02
C ALA B 49 -13.21 -1.60 23.59
N ARG B 50 -13.44 -1.40 24.88
CA ARG B 50 -14.70 -1.84 25.47
C ARG B 50 -15.82 -0.82 25.43
N THR B 51 -15.49 0.47 25.47
CA THR B 51 -16.55 1.48 25.45
C THR B 51 -16.62 2.31 24.18
N LEU B 52 -17.85 2.71 23.85
CA LEU B 52 -18.09 3.54 22.69
C LEU B 52 -17.35 4.87 22.82
N LYS B 53 -16.84 5.15 24.03
CA LYS B 53 -16.07 6.37 24.28
C LYS B 53 -14.84 6.33 23.38
N SER B 54 -14.42 5.12 23.04
CA SER B 54 -13.26 4.90 22.20
C SER B 54 -13.48 5.52 20.83
N LEU B 55 -14.72 5.92 20.56
CA LEU B 55 -15.05 6.52 19.27
C LEU B 55 -15.35 8.00 19.36
N LEU B 56 -14.91 8.63 20.44
CA LEU B 56 -15.16 10.06 20.63
C LEU B 56 -14.50 10.90 19.53
N LYS B 57 -13.31 10.50 19.10
CA LYS B 57 -12.61 11.25 18.06
C LYS B 57 -13.30 11.08 16.71
N PHE B 58 -14.02 9.97 16.55
CA PHE B 58 -14.75 9.68 15.33
C PHE B 58 -15.97 10.61 15.35
N HIS B 59 -16.60 10.70 16.52
CA HIS B 59 -17.77 11.55 16.70
C HIS B 59 -17.39 13.00 16.33
N ARG B 60 -16.24 13.45 16.85
CA ARG B 60 -15.78 14.80 16.58
C ARG B 60 -15.42 15.13 15.11
N VAL B 61 -14.73 14.21 14.44
CA VAL B 61 -14.31 14.42 13.06
C VAL B 61 -15.48 14.53 12.08
N LEU B 62 -16.53 13.76 12.31
CA LEU B 62 -17.69 13.80 11.45
C LEU B 62 -18.26 15.21 11.42
N ARG B 63 -18.09 15.93 12.53
CA ARG B 63 -18.60 17.29 12.64
C ARG B 63 -17.61 18.33 12.10
N ASN B 64 -16.33 18.20 12.46
CA ASN B 64 -15.33 19.14 11.97
C ASN B 64 -15.22 19.08 10.46
N GLU B 65 -15.53 17.94 9.87
CA GLU B 65 -15.44 17.78 8.41
C GLU B 65 -16.78 18.12 7.75
N ARG B 66 -17.82 18.23 8.56
CA ARG B 66 -19.15 18.53 8.08
C ARG B 66 -19.66 17.49 7.07
N ILE B 67 -19.51 16.21 7.40
CA ILE B 67 -19.96 15.13 6.52
C ILE B 67 -20.96 14.23 7.23
N LEU B 68 -21.79 14.80 8.10
CA LEU B 68 -22.78 14.05 8.87
C LEU B 68 -23.83 13.41 7.98
N ASP B 69 -24.15 14.10 6.90
CA ASP B 69 -25.13 13.64 5.92
C ASP B 69 -24.67 12.30 5.39
N SER B 70 -23.45 12.31 4.85
CA SER B 70 -22.80 11.16 4.25
C SER B 70 -22.58 10.03 5.24
N ALA B 71 -22.17 10.39 6.46
CA ALA B 71 -21.90 9.40 7.48
C ALA B 71 -23.16 8.63 7.91
N ARG B 72 -24.30 9.31 7.96
CA ARG B 72 -25.54 8.64 8.38
C ARG B 72 -25.92 7.53 7.42
N LYS B 73 -25.82 7.79 6.12
CA LYS B 73 -26.18 6.74 5.19
C LYS B 73 -25.21 5.56 5.24
N TYR B 74 -23.91 5.83 5.31
CA TYR B 74 -22.92 4.75 5.39
C TYR B 74 -23.09 3.92 6.65
N LEU B 75 -23.34 4.58 7.77
CA LEU B 75 -23.51 3.90 9.04
C LEU B 75 -24.83 3.14 9.12
N LYS B 77 -26.50 2.01 6.61
CA LYS B 77 -26.34 0.92 5.67
C LYS B 77 -25.51 -0.20 6.24
N GLY B 78 -24.62 0.14 7.17
CA GLY B 78 -23.72 -0.83 7.74
C GLY B 78 -24.33 -1.67 8.85
N ILE B 79 -25.55 -1.34 9.27
CA ILE B 79 -26.20 -2.11 10.34
C ILE B 79 -26.66 -3.45 9.77
N GLU B 80 -26.52 -4.51 10.57
CA GLU B 80 -26.94 -5.83 10.14
C GLU B 80 -27.85 -6.46 11.20
N GLY B 81 -27.31 -6.64 12.40
CA GLY B 81 -28.11 -7.21 13.46
C GLY B 81 -27.94 -6.32 14.66
N ASN B 82 -27.11 -6.76 15.59
CA ASN B 82 -26.81 -5.98 16.78
C ASN B 82 -25.38 -5.49 16.54
N THR B 83 -25.04 -5.29 15.27
CA THR B 83 -23.71 -4.81 14.89
C THR B 83 -23.76 -3.82 13.74
N ILE B 84 -22.75 -2.97 13.68
CA ILE B 84 -22.64 -1.99 12.61
C ILE B 84 -21.26 -2.19 12.04
N ALA B 85 -21.17 -2.35 10.72
CA ALA B 85 -19.88 -2.54 10.09
C ALA B 85 -19.69 -1.56 8.94
N PHE B 86 -18.53 -0.93 8.90
CA PHE B 86 -18.21 -0.01 7.83
C PHE B 86 -16.70 0.09 7.62
N ILE B 88 -13.35 2.78 6.20
CA ILE B 88 -12.92 4.12 5.88
C ILE B 88 -11.64 4.02 5.06
N HIS B 89 -11.33 5.06 4.30
CA HIS B 89 -10.15 5.07 3.44
C HIS B 89 -8.89 5.09 4.29
N LYS B 90 -8.00 4.11 4.09
CA LYS B 90 -6.77 4.03 4.86
C LYS B 90 -5.79 5.19 4.65
N GLN B 91 -5.51 5.55 3.40
CA GLN B 91 -4.55 6.62 3.13
C GLN B 91 -5.11 7.97 3.61
N ALA B 92 -6.38 8.19 3.35
CA ALA B 92 -7.03 9.41 3.78
C ALA B 92 -6.83 9.49 5.29
N ALA B 93 -7.20 8.41 5.97
CA ALA B 93 -7.06 8.35 7.42
C ALA B 93 -5.64 8.71 7.83
N ALA B 94 -4.65 8.20 7.12
CA ALA B 94 -3.25 8.47 7.44
C ALA B 94 -2.92 9.95 7.43
N VAL B 95 -3.69 10.76 6.70
CA VAL B 95 -3.44 12.20 6.66
C VAL B 95 -4.49 13.01 7.45
N GLY B 96 -5.12 12.36 8.43
CA GLY B 96 -6.11 13.00 9.27
C GLY B 96 -7.51 13.16 8.70
N VAL B 97 -7.78 12.56 7.53
CA VAL B 97 -9.10 12.70 6.92
C VAL B 97 -9.96 11.44 6.96
N LEU B 98 -11.20 11.58 7.41
CA LEU B 98 -12.09 10.43 7.44
C LEU B 98 -12.97 10.43 6.21
N SER B 99 -12.91 9.33 5.48
CA SER B 99 -13.68 9.17 4.26
C SER B 99 -14.17 7.72 4.21
N PHE B 100 -15.47 7.54 4.09
CA PHE B 100 -16.05 6.22 4.04
C PHE B 100 -15.88 5.53 2.70
N VAL B 101 -15.92 4.20 2.75
CA VAL B 101 -15.81 3.35 1.58
C VAL B 101 -16.62 2.10 1.87
N ALA B 111 -8.03 -0.85 3.42
CA ALA B 111 -9.14 -0.16 4.07
C ALA B 111 -9.15 -0.42 5.58
N ILE B 112 -9.60 0.55 6.37
CA ILE B 112 -9.70 0.38 7.81
C ILE B 112 -11.12 -0.14 8.11
N LYS B 113 -11.21 -1.34 8.67
CA LYS B 113 -12.52 -1.93 8.96
C LYS B 113 -13.03 -1.73 10.39
N PHE B 114 -14.27 -1.26 10.51
CA PHE B 114 -14.89 -1.02 11.80
C PHE B 114 -16.05 -1.96 12.06
N TYR B 115 -16.10 -2.51 13.27
CA TYR B 115 -17.17 -3.43 13.66
C TYR B 115 -17.62 -3.04 15.05
N ILE B 116 -18.91 -2.76 15.20
CA ILE B 116 -19.44 -2.38 16.51
C ILE B 116 -20.49 -3.37 17.04
N GLU B 117 -20.27 -3.83 18.26
CA GLU B 117 -21.18 -4.77 18.93
C GLU B 117 -22.09 -3.98 19.90
N TYR B 118 -23.33 -3.77 19.51
CA TYR B 118 -24.27 -3.02 20.35
C TYR B 118 -25.72 -3.43 20.08
N GLN B 119 -26.51 -3.56 21.14
CA GLN B 119 -27.91 -3.97 21.04
C GLN B 119 -28.79 -3.05 20.19
N ASN B 120 -28.64 -1.74 20.36
CA ASN B 120 -29.42 -0.77 19.59
C ASN B 120 -28.50 0.03 18.65
N PRO B 121 -28.13 -0.57 17.51
CA PRO B 121 -27.25 0.06 16.52
C PRO B 121 -27.71 1.45 16.09
N LYS B 122 -29.02 1.61 15.93
CA LYS B 122 -29.60 2.89 15.52
C LYS B 122 -29.17 4.01 16.45
N GLU B 123 -29.05 3.74 17.74
CA GLU B 123 -28.65 4.76 18.70
C GLU B 123 -27.21 5.23 18.47
N ILE B 124 -26.44 4.41 17.78
CA ILE B 124 -25.05 4.76 17.50
C ILE B 124 -25.00 5.69 16.29
N VAL B 125 -25.82 5.40 15.28
CA VAL B 125 -25.86 6.23 14.09
C VAL B 125 -26.35 7.64 14.44
N ASP B 126 -27.37 7.73 15.28
CA ASP B 126 -27.93 9.01 15.69
C ASP B 126 -26.98 9.76 16.63
N TRP B 127 -26.18 9.02 17.39
CA TRP B 127 -25.24 9.66 18.30
C TRP B 127 -24.15 10.40 17.52
N LEU B 128 -23.57 9.73 16.53
CA LEU B 128 -22.50 10.40 15.78
C LEU B 128 -22.89 10.97 14.42
N ALA B 129 -24.02 10.53 13.87
CA ALA B 129 -24.47 11.02 12.58
C ALA B 129 -25.93 11.46 12.58
N PRO B 130 -26.23 12.60 13.21
CA PRO B 130 -27.60 13.12 13.28
C PRO B 130 -28.07 13.71 11.94
N LYS B 131 -29.38 13.80 11.75
CA LYS B 131 -29.89 14.42 10.53
C LYS B 131 -29.44 15.88 10.66
N THR B 132 -29.38 16.59 9.54
CA THR B 132 -28.94 17.98 9.60
C THR B 132 -29.79 18.90 8.75
N ALA B 133 -29.80 20.16 9.16
CA ALA B 133 -30.52 21.21 8.44
C ALA B 133 -29.46 22.26 8.13
N HIS B 134 -29.11 22.38 6.85
CA HIS B 134 -28.08 23.35 6.44
C HIS B 134 -26.76 23.10 7.17
N GLY B 135 -26.43 21.82 7.37
CA GLY B 135 -25.18 21.48 8.05
C GLY B 135 -25.28 21.45 9.56
N VAL B 136 -26.34 22.01 10.11
CA VAL B 136 -26.54 22.05 11.56
C VAL B 136 -27.18 20.76 12.09
N PRO B 137 -26.56 20.13 13.11
CA PRO B 137 -27.11 18.89 13.68
C PRO B 137 -28.49 19.16 14.30
N LEU B 138 -29.49 18.36 13.92
CA LEU B 138 -30.84 18.53 14.45
C LEU B 138 -30.95 18.08 15.89
N TRP B 139 -29.96 17.32 16.35
CA TRP B 139 -29.94 16.86 17.75
C TRP B 139 -28.53 16.48 18.17
N ASP B 140 -28.29 16.37 19.47
CA ASP B 140 -26.95 16.05 19.97
C ASP B 140 -27.02 15.14 21.18
N ASN B 141 -27.27 13.85 20.93
CA ASN B 141 -27.38 12.88 22.00
C ASN B 141 -26.05 12.50 22.63
N PRO B 142 -26.10 12.03 23.89
CA PRO B 142 -24.92 11.62 24.65
C PRO B 142 -24.47 10.26 24.16
N VAL B 143 -23.23 9.89 24.45
CA VAL B 143 -22.71 8.59 24.04
C VAL B 143 -23.67 7.52 24.58
N PRO B 144 -24.11 6.58 23.74
CA PRO B 144 -25.01 5.55 24.26
C PRO B 144 -24.36 4.83 25.44
N PRO B 145 -25.17 4.37 26.42
CA PRO B 145 -24.67 3.67 27.61
C PRO B 145 -23.82 2.46 27.21
#